data_1C9W
#
_entry.id   1C9W
#
_cell.length_a   84.282
_cell.length_b   84.282
_cell.length_c   120.539
_cell.angle_alpha   90.00
_cell.angle_beta   90.00
_cell.angle_gamma   120.00
#
_symmetry.space_group_name_H-M   'P 32 2 1'
#
loop_
_entity.id
_entity.type
_entity.pdbx_description
1 polymer 'CHO REDUCTASE'
2 non-polymer 'NADP NICOTINAMIDE-ADENINE-DINUCLEOTIDE PHOSPHATE'
3 water water
#
_entity_poly.entity_id   1
_entity_poly.type   'polypeptide(L)'
_entity_poly.pdbx_seq_one_letter_code
;STFVELSTKAKMPIVGLGTWQSPPGQVKEAVKVAIDAGYRHIDCAYAYYNEHEVGEAIQEKIKEKAVRREDLFIVSKLWP
TCFERKLLKEAFQKTLTDLKLDYLDLYLIHWPQGLQPGKELFPKDDQGNVLTSKITFLDAWEVMEELVDEGLVKALGVSN
FNHFQIERILNKPGLKHKPVTNQVECHPYLTQEKLIEYCHSKGITVTAYSPLGSPNRPWAKPEDPSLLEDPKIKEIAAKH
KKTSAQVLIRFHIQRNVVVIPKSVTPARIHENFQVFDFQLSDQEMATILGFNRNWRACLLPETVNMEEYPYDAEY
;
_entity_poly.pdbx_strand_id   A
#
loop_
_chem_comp.id
_chem_comp.type
_chem_comp.name
_chem_comp.formula
NAP non-polymer 'NADP NICOTINAMIDE-ADENINE-DINUCLEOTIDE PHOSPHATE' 'C21 H28 N7 O17 P3'
#
# COMPACT_ATOMS: atom_id res chain seq x y z
N SER A 1 7.82 14.94 9.74
CA SER A 1 7.45 13.88 10.73
C SER A 1 7.82 12.50 10.22
N THR A 2 8.20 11.59 11.13
CA THR A 2 8.59 10.23 10.76
C THR A 2 7.42 9.24 10.80
N PHE A 3 6.26 9.72 11.23
CA PHE A 3 5.10 8.86 11.30
C PHE A 3 3.84 9.69 11.08
N VAL A 4 2.74 8.98 10.89
CA VAL A 4 1.44 9.60 10.71
C VAL A 4 0.51 9.08 11.80
N GLU A 5 -0.29 9.98 12.35
CA GLU A 5 -1.23 9.63 13.40
C GLU A 5 -2.53 9.07 12.82
N LEU A 6 -2.87 7.84 13.19
CA LEU A 6 -4.11 7.23 12.70
C LEU A 6 -5.26 7.67 13.58
N SER A 7 -6.49 7.48 13.12
CA SER A 7 -7.65 7.87 13.91
C SER A 7 -7.75 7.06 15.21
N THR A 8 -7.13 5.89 15.23
CA THR A 8 -7.12 5.03 16.42
C THR A 8 -6.07 5.53 17.41
N LYS A 9 -5.35 6.57 17.00
CA LYS A 9 -4.27 7.19 17.78
C LYS A 9 -2.96 6.41 17.70
N ALA A 10 -2.94 5.33 16.93
CA ALA A 10 -1.73 4.54 16.76
C ALA A 10 -0.82 5.24 15.74
N LYS A 11 0.48 5.01 15.85
CA LYS A 11 1.45 5.64 14.94
C LYS A 11 1.87 4.73 13.79
N MET A 12 1.78 5.24 12.57
CA MET A 12 2.14 4.49 11.39
C MET A 12 3.39 5.13 10.78
N PRO A 13 4.51 4.39 10.76
CA PRO A 13 5.76 4.93 10.20
C PRO A 13 5.48 5.42 8.79
N ILE A 14 5.80 6.67 8.55
CA ILE A 14 5.52 7.29 7.27
C ILE A 14 6.26 6.66 6.09
N VAL A 15 7.24 5.82 6.37
CA VAL A 15 7.94 5.13 5.28
C VAL A 15 7.93 3.64 5.59
N GLY A 16 7.58 2.82 4.61
CA GLY A 16 7.53 1.38 4.84
C GLY A 16 8.14 0.65 3.67
N LEU A 17 8.30 -0.67 3.80
CA LEU A 17 8.87 -1.44 2.71
C LEU A 17 7.80 -2.17 1.89
N GLY A 18 7.75 -1.86 0.59
CA GLY A 18 6.79 -2.52 -0.27
C GLY A 18 7.34 -3.88 -0.68
N THR A 19 6.46 -4.85 -0.92
CA THR A 19 6.88 -6.18 -1.30
C THR A 19 6.20 -6.77 -2.55
N TRP A 20 5.43 -5.97 -3.28
CA TRP A 20 4.78 -6.51 -4.48
C TRP A 20 5.85 -6.94 -5.49
N GLN A 21 5.67 -8.13 -6.04
CA GLN A 21 6.59 -8.68 -7.03
C GLN A 21 7.95 -9.12 -6.48
N SER A 22 8.17 -8.96 -5.18
CA SER A 22 9.44 -9.37 -4.58
C SER A 22 9.50 -10.90 -4.64
N PRO A 23 10.38 -11.46 -5.50
CA PRO A 23 10.47 -12.92 -5.59
C PRO A 23 10.58 -13.58 -4.22
N PRO A 24 9.85 -14.67 -4.01
CA PRO A 24 9.88 -15.39 -2.73
C PRO A 24 11.29 -15.68 -2.22
N GLY A 25 12.21 -15.96 -3.14
CA GLY A 25 13.57 -16.27 -2.74
C GLY A 25 14.49 -15.07 -2.63
N GLN A 26 13.93 -13.91 -2.33
CA GLN A 26 14.71 -12.67 -2.21
C GLN A 26 14.09 -11.71 -1.20
N VAL A 27 12.78 -11.82 -1.00
CA VAL A 27 12.06 -10.95 -0.07
C VAL A 27 12.50 -11.12 1.38
N LYS A 28 12.95 -12.31 1.74
CA LYS A 28 13.38 -12.56 3.12
C LYS A 28 14.60 -11.70 3.45
N GLU A 29 15.58 -11.69 2.55
CA GLU A 29 16.77 -10.89 2.76
C GLU A 29 16.42 -9.41 2.72
N ALA A 30 15.51 -9.05 1.80
CA ALA A 30 15.10 -7.66 1.66
C ALA A 30 14.49 -7.15 2.97
N VAL A 31 13.67 -7.96 3.62
CA VAL A 31 13.04 -7.56 4.87
C VAL A 31 14.07 -7.47 6.01
N LYS A 32 15.03 -8.37 6.03
CA LYS A 32 16.08 -8.34 7.06
C LYS A 32 16.92 -7.08 6.89
N VAL A 33 17.29 -6.78 5.64
CA VAL A 33 18.10 -5.59 5.38
C VAL A 33 17.30 -4.34 5.73
N ALA A 34 16.04 -4.31 5.31
CA ALA A 34 15.16 -3.17 5.59
C ALA A 34 15.09 -2.92 7.08
N ILE A 35 14.85 -3.99 7.84
CA ILE A 35 14.78 -3.85 9.28
C ILE A 35 16.12 -3.37 9.83
N ASP A 36 17.23 -3.90 9.31
CA ASP A 36 18.54 -3.47 9.81
C ASP A 36 18.83 -2.01 9.45
N ALA A 37 18.33 -1.58 8.29
CA ALA A 37 18.53 -0.20 7.85
C ALA A 37 17.61 0.77 8.61
N GLY A 38 16.64 0.23 9.35
CA GLY A 38 15.73 1.10 10.09
C GLY A 38 14.23 1.00 9.80
N TYR A 39 13.82 0.27 8.76
CA TYR A 39 12.39 0.16 8.46
C TYR A 39 11.66 -0.54 9.62
N ARG A 40 10.47 -0.04 9.94
CA ARG A 40 9.67 -0.61 11.01
C ARG A 40 8.26 -0.85 10.50
N HIS A 41 8.08 -0.57 9.21
CA HIS A 41 6.79 -0.73 8.54
C HIS A 41 7.02 -1.58 7.29
N ILE A 42 6.38 -2.75 7.26
CA ILE A 42 6.48 -3.69 6.14
C ILE A 42 5.08 -3.83 5.54
N ASP A 43 4.97 -3.62 4.24
CA ASP A 43 3.67 -3.73 3.57
C ASP A 43 3.61 -5.09 2.86
N CYS A 44 2.63 -5.90 3.20
CA CYS A 44 2.48 -7.22 2.61
C CYS A 44 1.11 -7.43 1.98
N ALA A 45 0.95 -8.58 1.35
CA ALA A 45 -0.31 -8.91 0.74
C ALA A 45 -0.39 -10.37 0.37
N TYR A 46 -1.57 -10.94 0.61
CA TYR A 46 -1.87 -12.33 0.32
C TYR A 46 -1.54 -12.55 -1.16
N ALA A 47 -2.05 -11.65 -2.00
CA ALA A 47 -1.87 -11.71 -3.44
C ALA A 47 -0.43 -11.59 -3.92
N TYR A 48 0.53 -11.50 -3.00
CA TYR A 48 1.93 -11.40 -3.37
C TYR A 48 2.64 -12.75 -3.33
N TYR A 49 2.00 -13.72 -2.66
CA TYR A 49 2.55 -15.07 -2.54
C TYR A 49 4.00 -15.05 -2.06
N ASN A 50 4.25 -14.30 -1.00
CA ASN A 50 5.58 -14.20 -0.43
C ASN A 50 5.53 -13.86 1.06
N GLU A 51 4.36 -13.98 1.67
CA GLU A 51 4.22 -13.65 3.08
C GLU A 51 4.96 -14.61 4.00
N HIS A 52 5.17 -15.84 3.54
CA HIS A 52 5.87 -16.83 4.34
C HIS A 52 7.31 -16.39 4.53
N GLU A 53 7.90 -15.85 3.48
CA GLU A 53 9.27 -15.38 3.53
C GLU A 53 9.35 -14.11 4.39
N VAL A 54 8.38 -13.20 4.22
CA VAL A 54 8.39 -11.98 5.02
C VAL A 54 8.38 -12.40 6.49
N GLY A 55 7.45 -13.30 6.83
CA GLY A 55 7.34 -13.77 8.19
C GLY A 55 8.60 -14.38 8.76
N GLU A 56 9.38 -15.06 7.92
CA GLU A 56 10.62 -15.67 8.39
C GLU A 56 11.60 -14.57 8.78
N ALA A 57 11.67 -13.53 7.97
CA ALA A 57 12.58 -12.43 8.24
C ALA A 57 12.21 -11.73 9.55
N ILE A 58 10.93 -11.47 9.74
CA ILE A 58 10.45 -10.81 10.95
C ILE A 58 10.79 -11.64 12.18
N GLN A 59 10.35 -12.89 12.18
CA GLN A 59 10.61 -13.79 13.28
C GLN A 59 12.08 -13.78 13.67
N GLU A 60 12.95 -13.74 12.67
CA GLU A 60 14.38 -13.75 12.90
C GLU A 60 14.90 -12.48 13.57
N LYS A 61 14.38 -11.33 13.15
CA LYS A 61 14.81 -10.06 13.73
C LYS A 61 14.29 -9.90 15.15
N ILE A 62 13.13 -10.50 15.42
CA ILE A 62 12.56 -10.45 16.76
C ILE A 62 13.37 -11.40 17.63
N LYS A 63 13.73 -12.54 17.06
CA LYS A 63 14.54 -13.55 17.75
C LYS A 63 15.87 -12.90 18.15
N GLU A 64 16.47 -12.18 17.20
CA GLU A 64 17.73 -11.50 17.44
C GLU A 64 17.56 -10.41 18.50
N LYS A 65 16.33 -9.93 18.66
CA LYS A 65 16.00 -8.89 19.62
C LYS A 65 16.32 -7.47 19.14
N ALA A 66 16.62 -7.34 17.85
CA ALA A 66 16.89 -6.02 17.30
C ALA A 66 15.57 -5.24 17.36
N VAL A 67 14.45 -5.95 17.21
CA VAL A 67 13.13 -5.34 17.29
C VAL A 67 12.18 -6.24 18.06
N ARG A 68 11.08 -5.66 18.51
CA ARG A 68 10.04 -6.40 19.21
C ARG A 68 8.82 -6.25 18.32
N ARG A 69 7.89 -7.19 18.39
CA ARG A 69 6.69 -7.10 17.59
C ARG A 69 6.10 -5.68 17.64
N GLU A 70 6.05 -5.12 18.85
CA GLU A 70 5.50 -3.78 19.07
C GLU A 70 6.19 -2.66 18.30
N ASP A 71 7.42 -2.91 17.86
CA ASP A 71 8.17 -1.89 17.13
C ASP A 71 7.82 -1.90 15.66
N LEU A 72 7.22 -2.99 15.20
CA LEU A 72 6.89 -3.13 13.80
C LEU A 72 5.44 -2.80 13.46
N PHE A 73 5.23 -2.28 12.26
CA PHE A 73 3.89 -1.96 11.81
C PHE A 73 3.75 -2.86 10.58
N ILE A 74 2.98 -3.93 10.72
CA ILE A 74 2.82 -4.87 9.62
C ILE A 74 1.47 -4.72 8.94
N VAL A 75 1.51 -4.62 7.63
CA VAL A 75 0.30 -4.44 6.85
C VAL A 75 0.10 -5.59 5.88
N SER A 76 -1.14 -6.06 5.76
CA SER A 76 -1.47 -7.10 4.80
C SER A 76 -2.80 -6.73 4.15
N LYS A 77 -3.19 -7.46 3.11
CA LYS A 77 -4.42 -7.16 2.41
C LYS A 77 -5.28 -8.38 2.08
N LEU A 78 -6.59 -8.20 2.19
CA LEU A 78 -7.55 -9.25 1.88
C LEU A 78 -7.84 -9.18 0.38
N TRP A 79 -7.70 -10.29 -0.34
CA TRP A 79 -7.97 -10.29 -1.77
C TRP A 79 -9.47 -10.50 -2.03
N PRO A 80 -10.07 -9.69 -2.91
CA PRO A 80 -11.50 -9.74 -3.26
C PRO A 80 -12.13 -11.11 -3.54
N THR A 81 -11.30 -12.12 -3.83
CA THR A 81 -11.83 -13.47 -4.08
C THR A 81 -12.22 -14.12 -2.75
N CYS A 82 -11.98 -13.42 -1.65
CA CYS A 82 -12.30 -13.96 -0.33
C CYS A 82 -13.21 -13.06 0.52
N PHE A 83 -14.12 -12.33 -0.10
CA PHE A 83 -15.03 -11.47 0.67
C PHE A 83 -15.99 -12.27 1.55
N GLU A 84 -16.30 -13.50 1.12
CA GLU A 84 -17.20 -14.38 1.86
C GLU A 84 -16.78 -14.62 3.31
N ARG A 85 -17.72 -14.43 4.22
CA ARG A 85 -17.53 -14.61 5.66
C ARG A 85 -16.46 -15.68 5.96
N LYS A 86 -16.74 -16.90 5.52
CA LYS A 86 -15.84 -18.04 5.74
C LYS A 86 -14.46 -17.89 5.11
N LEU A 87 -14.42 -17.73 3.80
CA LEU A 87 -13.16 -17.57 3.08
C LEU A 87 -12.34 -16.40 3.59
N LEU A 88 -13.02 -15.38 4.11
CA LEU A 88 -12.35 -14.19 4.63
C LEU A 88 -11.54 -14.51 5.87
N LYS A 89 -12.16 -15.14 6.85
CA LYS A 89 -11.46 -15.49 8.08
C LYS A 89 -10.36 -16.50 7.81
N GLU A 90 -10.54 -17.33 6.80
CA GLU A 90 -9.53 -18.32 6.47
C GLU A 90 -8.32 -17.64 5.87
N ALA A 91 -8.56 -16.67 4.99
CA ALA A 91 -7.49 -15.93 4.35
C ALA A 91 -6.72 -15.13 5.40
N PHE A 92 -7.45 -14.54 6.33
CA PHE A 92 -6.83 -13.75 7.38
C PHE A 92 -5.94 -14.63 8.25
N GLN A 93 -6.50 -15.72 8.78
CA GLN A 93 -5.74 -16.64 9.62
C GLN A 93 -4.53 -17.16 8.86
N LYS A 94 -4.71 -17.45 7.58
CA LYS A 94 -3.59 -17.95 6.76
C LYS A 94 -2.51 -16.88 6.66
N THR A 95 -2.91 -15.62 6.51
CA THR A 95 -1.96 -14.51 6.43
C THR A 95 -1.21 -14.42 7.77
N LEU A 96 -1.94 -14.60 8.86
CA LEU A 96 -1.36 -14.55 10.19
C LEU A 96 -0.37 -15.68 10.40
N THR A 97 -0.69 -16.84 9.83
CA THR A 97 0.17 -18.00 9.96
C THR A 97 1.41 -17.84 9.08
N ASP A 98 1.21 -17.39 7.85
CA ASP A 98 2.33 -17.20 6.91
C ASP A 98 3.30 -16.14 7.43
N LEU A 99 2.76 -15.09 8.02
CA LEU A 99 3.60 -14.02 8.54
C LEU A 99 4.12 -14.38 9.93
N LYS A 100 3.53 -15.42 10.53
CA LYS A 100 3.91 -15.88 11.86
C LYS A 100 3.65 -14.82 12.93
N LEU A 101 2.50 -14.15 12.81
CA LEU A 101 2.12 -13.11 13.74
C LEU A 101 0.83 -13.47 14.46
N ASP A 102 0.53 -12.76 15.56
CA ASP A 102 -0.68 -13.01 16.32
C ASP A 102 -1.70 -11.94 15.99
N TYR A 103 -1.24 -10.86 15.37
CA TYR A 103 -2.13 -9.78 14.99
C TYR A 103 -1.50 -8.93 13.90
N LEU A 104 -2.33 -8.19 13.19
CA LEU A 104 -1.86 -7.29 12.15
C LEU A 104 -2.13 -5.89 12.66
N ASP A 105 -1.26 -4.95 12.33
CA ASP A 105 -1.45 -3.58 12.75
C ASP A 105 -2.46 -2.94 11.82
N LEU A 106 -2.53 -3.48 10.60
CA LEU A 106 -3.43 -2.95 9.59
C LEU A 106 -3.81 -4.01 8.54
N TYR A 107 -5.10 -4.12 8.28
CA TYR A 107 -5.63 -5.06 7.31
C TYR A 107 -6.44 -4.23 6.30
N LEU A 108 -6.12 -4.37 5.02
CA LEU A 108 -6.78 -3.59 3.98
C LEU A 108 -7.54 -4.42 2.97
N ILE A 109 -8.59 -3.85 2.41
CA ILE A 109 -9.33 -4.51 1.34
C ILE A 109 -8.40 -4.19 0.18
N HIS A 110 -7.84 -5.21 -0.46
CA HIS A 110 -6.90 -4.98 -1.56
C HIS A 110 -7.55 -4.38 -2.81
N TRP A 111 -8.83 -4.67 -3.01
CA TRP A 111 -9.54 -4.13 -4.17
C TRP A 111 -11.04 -4.15 -3.89
N PRO A 112 -11.75 -3.09 -4.28
CA PRO A 112 -13.21 -2.99 -4.07
C PRO A 112 -14.11 -4.01 -4.75
N GLN A 113 -13.78 -4.41 -5.97
CA GLN A 113 -14.62 -5.36 -6.70
C GLN A 113 -14.51 -6.79 -6.20
N GLY A 114 -15.62 -7.33 -5.68
CA GLY A 114 -15.61 -8.70 -5.21
C GLY A 114 -15.37 -9.62 -6.39
N LEU A 115 -14.63 -10.71 -6.19
CA LEU A 115 -14.34 -11.63 -7.27
C LEU A 115 -14.75 -13.06 -6.94
N GLN A 116 -14.94 -13.86 -7.99
CA GLN A 116 -15.33 -15.26 -7.84
C GLN A 116 -14.25 -16.01 -7.08
N PRO A 117 -14.65 -16.85 -6.11
CA PRO A 117 -13.74 -17.66 -5.29
C PRO A 117 -12.73 -18.48 -6.08
N GLY A 118 -11.85 -19.18 -5.38
CA GLY A 118 -10.87 -20.00 -6.05
C GLY A 118 -9.43 -19.58 -5.85
N LYS A 119 -8.51 -20.43 -6.32
CA LYS A 119 -7.08 -20.20 -6.22
C LYS A 119 -6.57 -19.27 -7.31
N GLU A 120 -7.48 -18.49 -7.90
CA GLU A 120 -7.11 -17.56 -8.97
C GLU A 120 -7.30 -16.13 -8.50
N LEU A 121 -6.31 -15.27 -8.75
CA LEU A 121 -6.40 -13.88 -8.37
C LEU A 121 -7.46 -13.22 -9.23
N PHE A 122 -7.45 -13.55 -10.52
CA PHE A 122 -8.40 -13.01 -11.48
C PHE A 122 -9.07 -14.12 -12.30
N PRO A 123 -10.00 -14.87 -11.69
CA PRO A 123 -10.66 -15.95 -12.44
C PRO A 123 -11.36 -15.40 -13.68
N LYS A 124 -11.15 -16.07 -14.81
CA LYS A 124 -11.75 -15.66 -16.07
C LYS A 124 -12.56 -16.81 -16.69
N ASP A 125 -13.53 -16.47 -17.53
CA ASP A 125 -14.35 -17.48 -18.20
C ASP A 125 -13.64 -17.96 -19.46
N ASP A 126 -14.36 -18.66 -20.32
CA ASP A 126 -13.79 -19.17 -21.58
C ASP A 126 -13.20 -18.04 -22.42
N GLN A 127 -13.91 -16.92 -22.49
CA GLN A 127 -13.47 -15.76 -23.26
C GLN A 127 -12.27 -15.08 -22.61
N GLY A 128 -12.28 -15.04 -21.28
CA GLY A 128 -11.18 -14.41 -20.56
C GLY A 128 -11.67 -13.25 -19.72
N ASN A 129 -12.99 -13.22 -19.47
CA ASN A 129 -13.59 -12.17 -18.66
C ASN A 129 -13.48 -12.52 -17.18
N VAL A 130 -12.99 -11.58 -16.37
CA VAL A 130 -12.85 -11.79 -14.95
C VAL A 130 -14.22 -11.95 -14.27
N LEU A 131 -14.43 -13.11 -13.66
CA LEU A 131 -15.68 -13.44 -12.98
C LEU A 131 -15.81 -12.70 -11.65
N THR A 132 -16.75 -11.75 -11.59
CA THR A 132 -16.98 -10.98 -10.37
C THR A 132 -17.88 -11.75 -9.42
N SER A 133 -18.14 -11.18 -8.26
CA SER A 133 -18.99 -11.83 -7.27
C SER A 133 -20.00 -10.82 -6.71
N LYS A 134 -21.13 -11.34 -6.24
CA LYS A 134 -22.20 -10.51 -5.69
C LYS A 134 -21.81 -9.91 -4.35
N ILE A 135 -20.98 -10.62 -3.59
CA ILE A 135 -20.53 -10.14 -2.28
C ILE A 135 -19.81 -8.80 -2.40
N THR A 136 -20.23 -7.83 -1.59
CA THR A 136 -19.64 -6.49 -1.61
C THR A 136 -18.57 -6.29 -0.55
N PHE A 137 -17.84 -5.19 -0.64
CA PHE A 137 -16.80 -4.90 0.33
C PHE A 137 -17.40 -4.47 1.66
N LEU A 138 -18.67 -4.11 1.66
CA LEU A 138 -19.32 -3.73 2.92
C LEU A 138 -19.57 -5.03 3.67
N ASP A 139 -19.87 -6.08 2.92
CA ASP A 139 -20.11 -7.40 3.50
C ASP A 139 -18.84 -7.84 4.22
N ALA A 140 -17.71 -7.70 3.53
CA ALA A 140 -16.41 -8.07 4.06
C ALA A 140 -16.02 -7.16 5.23
N TRP A 141 -16.33 -5.87 5.11
CA TRP A 141 -16.01 -4.91 6.15
C TRP A 141 -16.62 -5.28 7.50
N GLU A 142 -17.87 -5.73 7.49
CA GLU A 142 -18.55 -6.11 8.72
C GLU A 142 -17.81 -7.22 9.45
N VAL A 143 -17.31 -8.19 8.72
CA VAL A 143 -16.58 -9.28 9.35
C VAL A 143 -15.15 -8.84 9.70
N MET A 144 -14.59 -7.93 8.90
CA MET A 144 -13.24 -7.44 9.19
C MET A 144 -13.28 -6.66 10.51
N GLU A 145 -14.42 -6.04 10.79
CA GLU A 145 -14.55 -5.28 12.03
C GLU A 145 -14.54 -6.23 13.21
N GLU A 146 -14.91 -7.48 12.96
CA GLU A 146 -14.93 -8.50 14.00
C GLU A 146 -13.48 -8.76 14.41
N LEU A 147 -12.61 -8.87 13.41
CA LEU A 147 -11.20 -9.10 13.66
C LEU A 147 -10.68 -7.98 14.56
N VAL A 148 -11.12 -6.75 14.29
CA VAL A 148 -10.68 -5.63 15.09
C VAL A 148 -11.12 -5.71 16.56
N ASP A 149 -12.40 -6.00 16.80
CA ASP A 149 -12.91 -6.07 18.17
C ASP A 149 -12.34 -7.26 18.95
N GLU A 150 -11.84 -8.27 18.23
CA GLU A 150 -11.26 -9.43 18.89
C GLU A 150 -9.75 -9.26 19.02
N GLY A 151 -9.26 -8.07 18.70
CA GLY A 151 -7.86 -7.78 18.84
C GLY A 151 -6.89 -8.44 17.87
N LEU A 152 -7.39 -9.03 16.78
CA LEU A 152 -6.53 -9.66 15.79
C LEU A 152 -6.05 -8.65 14.73
N VAL A 153 -6.71 -7.51 14.69
CA VAL A 153 -6.38 -6.45 13.75
C VAL A 153 -6.50 -5.15 14.53
N LYS A 154 -5.46 -4.32 14.50
CA LYS A 154 -5.50 -3.07 15.24
C LYS A 154 -6.32 -2.01 14.52
N ALA A 155 -6.29 -2.03 13.20
CA ALA A 155 -7.03 -1.06 12.41
C ALA A 155 -7.28 -1.61 11.01
N LEU A 156 -8.38 -1.18 10.41
CA LEU A 156 -8.76 -1.59 9.06
C LEU A 156 -8.52 -0.42 8.12
N GLY A 157 -8.42 -0.74 6.84
CA GLY A 157 -8.21 0.30 5.84
C GLY A 157 -8.61 -0.23 4.48
N VAL A 158 -8.42 0.60 3.46
CA VAL A 158 -8.75 0.20 2.10
C VAL A 158 -7.61 0.53 1.13
N SER A 159 -7.70 -0.03 -0.07
CA SER A 159 -6.68 0.17 -1.09
C SER A 159 -7.35 0.24 -2.45
N ASN A 160 -7.00 1.25 -3.23
CA ASN A 160 -7.55 1.46 -4.56
C ASN A 160 -9.04 1.83 -4.52
N PHE A 161 -9.44 2.58 -3.51
CA PHE A 161 -10.81 3.02 -3.35
C PHE A 161 -10.98 4.48 -3.79
N ASN A 162 -12.05 4.79 -4.52
CA ASN A 162 -12.28 6.20 -4.86
C ASN A 162 -13.07 6.74 -3.67
N HIS A 163 -13.26 8.05 -3.60
CA HIS A 163 -13.96 8.63 -2.47
C HIS A 163 -15.41 8.15 -2.29
N PHE A 164 -16.06 7.77 -3.39
CA PHE A 164 -17.44 7.29 -3.30
C PHE A 164 -17.49 6.00 -2.50
N GLN A 165 -16.61 5.07 -2.85
CA GLN A 165 -16.54 3.78 -2.18
C GLN A 165 -16.21 3.97 -0.70
N ILE A 166 -15.42 4.99 -0.39
CA ILE A 166 -15.09 5.26 1.00
C ILE A 166 -16.33 5.85 1.67
N GLU A 167 -17.07 6.71 0.95
CA GLU A 167 -18.29 7.30 1.49
C GLU A 167 -19.28 6.17 1.85
N ARG A 168 -19.34 5.15 0.99
CA ARG A 168 -20.25 4.04 1.21
C ARG A 168 -19.99 3.41 2.58
N ILE A 169 -18.73 3.30 2.97
CA ILE A 169 -18.38 2.70 4.24
C ILE A 169 -18.52 3.66 5.42
N LEU A 170 -18.16 4.93 5.24
CA LEU A 170 -18.27 5.86 6.36
C LEU A 170 -19.71 6.09 6.78
N ASN A 171 -20.63 5.89 5.85
CA ASN A 171 -22.04 6.12 6.13
C ASN A 171 -22.86 4.84 6.22
N LYS A 172 -22.17 3.71 6.36
CA LYS A 172 -22.84 2.42 6.49
C LYS A 172 -23.56 2.34 7.82
N PRO A 173 -24.81 1.84 7.82
CA PRO A 173 -25.55 1.74 9.09
C PRO A 173 -24.79 0.82 10.03
N GLY A 174 -24.70 1.18 11.30
CA GLY A 174 -24.00 0.35 12.27
C GLY A 174 -22.50 0.23 12.10
N LEU A 175 -21.89 1.25 11.50
CA LEU A 175 -20.44 1.25 11.29
C LEU A 175 -19.73 1.15 12.64
N LYS A 176 -18.78 0.22 12.74
CA LYS A 176 -18.02 0.05 13.99
C LYS A 176 -16.61 0.62 13.89
N HIS A 177 -15.92 0.32 12.78
CA HIS A 177 -14.57 0.81 12.58
C HIS A 177 -14.37 1.52 11.24
N LYS A 178 -13.91 2.76 11.31
CA LYS A 178 -13.68 3.54 10.12
C LYS A 178 -12.31 3.21 9.52
N PRO A 179 -12.20 3.25 8.19
CA PRO A 179 -10.91 2.93 7.59
C PRO A 179 -9.93 4.01 8.04
N VAL A 180 -8.68 3.65 8.30
CA VAL A 180 -7.70 4.63 8.75
C VAL A 180 -6.79 5.05 7.60
N THR A 181 -6.84 4.29 6.51
CA THR A 181 -6.01 4.60 5.35
C THR A 181 -6.59 4.11 4.05
N ASN A 182 -6.21 4.80 2.97
CA ASN A 182 -6.57 4.40 1.64
C ASN A 182 -5.20 4.31 0.96
N GLN A 183 -4.82 3.09 0.56
CA GLN A 183 -3.54 2.88 -0.09
C GLN A 183 -3.75 2.96 -1.60
N VAL A 184 -3.18 3.98 -2.23
CA VAL A 184 -3.34 4.16 -3.66
C VAL A 184 -2.04 4.55 -4.36
N GLU A 185 -2.04 4.41 -5.68
CA GLU A 185 -0.88 4.76 -6.49
C GLU A 185 -0.74 6.28 -6.36
N CYS A 186 0.48 6.76 -6.09
CA CYS A 186 0.68 8.19 -5.99
C CYS A 186 2.12 8.57 -6.23
N HIS A 187 2.31 9.58 -7.08
CA HIS A 187 3.63 10.06 -7.45
C HIS A 187 3.43 11.37 -8.21
N PRO A 188 4.52 11.99 -8.69
CA PRO A 188 4.36 13.25 -9.43
C PRO A 188 3.45 13.27 -10.66
N TYR A 189 3.28 12.13 -11.34
CA TYR A 189 2.40 12.10 -12.52
C TYR A 189 0.94 11.80 -12.12
N LEU A 190 0.74 11.48 -10.85
CA LEU A 190 -0.60 11.15 -10.30
C LEU A 190 -0.62 11.65 -8.86
N THR A 191 -0.67 12.97 -8.70
CA THR A 191 -0.62 13.58 -7.39
C THR A 191 -1.77 13.32 -6.42
N GLN A 192 -2.93 12.90 -6.92
CA GLN A 192 -4.05 12.57 -6.05
C GLN A 192 -4.48 13.69 -5.08
N GLU A 193 -4.44 14.94 -5.53
CA GLU A 193 -4.80 16.05 -4.66
C GLU A 193 -6.21 15.97 -4.08
N LYS A 194 -7.18 15.67 -4.92
CA LYS A 194 -8.58 15.57 -4.47
C LYS A 194 -8.80 14.43 -3.49
N LEU A 195 -8.32 13.23 -3.85
CA LEU A 195 -8.50 12.08 -2.98
C LEU A 195 -7.77 12.26 -1.65
N ILE A 196 -6.57 12.84 -1.70
CA ILE A 196 -5.81 13.06 -0.47
C ILE A 196 -6.57 14.06 0.39
N GLU A 197 -7.06 15.12 -0.25
CA GLU A 197 -7.83 16.14 0.46
C GLU A 197 -9.11 15.56 1.03
N TYR A 198 -9.76 14.68 0.27
CA TYR A 198 -10.99 14.08 0.76
C TYR A 198 -10.70 13.18 1.97
N CYS A 199 -9.69 12.32 1.86
CA CYS A 199 -9.34 11.41 2.94
C CYS A 199 -8.97 12.15 4.22
N HIS A 200 -8.09 13.14 4.10
CA HIS A 200 -7.67 13.91 5.26
C HIS A 200 -8.83 14.63 5.90
N SER A 201 -9.79 15.08 5.11
CA SER A 201 -10.94 15.79 5.66
C SER A 201 -11.79 14.86 6.50
N LYS A 202 -11.62 13.56 6.32
CA LYS A 202 -12.37 12.55 7.06
C LYS A 202 -11.52 11.93 8.16
N GLY A 203 -10.29 12.43 8.33
CA GLY A 203 -9.41 11.84 9.33
C GLY A 203 -8.85 10.52 8.84
N ILE A 204 -8.78 10.37 7.53
CA ILE A 204 -8.25 9.15 6.93
C ILE A 204 -6.91 9.47 6.28
N THR A 205 -5.87 8.70 6.61
CA THR A 205 -4.54 8.93 6.06
C THR A 205 -4.45 8.30 4.67
N VAL A 206 -3.41 8.63 3.93
CA VAL A 206 -3.23 8.06 2.61
C VAL A 206 -1.86 7.40 2.54
N THR A 207 -1.81 6.22 1.94
CA THR A 207 -0.56 5.51 1.79
C THR A 207 -0.28 5.46 0.29
N ALA A 208 0.87 5.96 -0.12
CA ALA A 208 1.27 5.97 -1.52
C ALA A 208 2.15 4.79 -1.92
N TYR A 209 1.75 4.05 -2.95
CA TYR A 209 2.56 2.94 -3.46
C TYR A 209 3.01 3.34 -4.87
N SER A 210 4.02 2.66 -5.39
CA SER A 210 4.59 2.97 -6.71
C SER A 210 5.08 4.43 -6.73
N PRO A 211 5.74 4.88 -5.64
CA PRO A 211 6.24 6.26 -5.57
C PRO A 211 7.26 6.59 -6.64
N LEU A 212 7.93 5.57 -7.18
CA LEU A 212 8.93 5.79 -8.21
C LEU A 212 8.36 5.57 -9.61
N GLY A 213 7.03 5.58 -9.73
CA GLY A 213 6.42 5.35 -11.02
C GLY A 213 6.48 3.88 -11.40
N SER A 214 6.91 3.05 -10.44
CA SER A 214 7.02 1.61 -10.62
C SER A 214 7.57 1.23 -12.01
N PRO A 215 8.82 1.63 -12.31
CA PRO A 215 9.46 1.34 -13.60
C PRO A 215 9.75 -0.15 -13.83
N ASN A 216 9.19 -0.99 -12.97
CA ASN A 216 9.39 -2.43 -13.09
C ASN A 216 8.19 -3.15 -13.69
N ARG A 217 6.99 -2.76 -13.25
CA ARG A 217 5.74 -3.35 -13.72
C ARG A 217 5.87 -4.12 -15.03
N PRO A 218 5.56 -5.42 -15.01
CA PRO A 218 5.65 -6.25 -16.21
C PRO A 218 4.83 -5.65 -17.36
N TRP A 219 5.43 -5.62 -18.56
CA TRP A 219 4.77 -5.04 -19.72
C TRP A 219 4.58 -3.54 -19.50
N ALA A 220 5.58 -2.77 -19.89
CA ALA A 220 5.56 -1.32 -19.77
C ALA A 220 6.42 -0.75 -20.89
N LYS A 221 5.80 -0.52 -22.04
CA LYS A 221 6.48 0.00 -23.23
C LYS A 221 7.69 0.87 -22.88
N PRO A 222 8.74 0.81 -23.71
CA PRO A 222 9.99 1.57 -23.53
C PRO A 222 9.86 3.09 -23.40
N GLU A 223 9.06 3.70 -24.26
CA GLU A 223 8.89 5.15 -24.23
C GLU A 223 7.84 5.66 -23.24
N ASP A 224 7.75 5.01 -22.09
CA ASP A 224 6.82 5.41 -21.04
C ASP A 224 7.56 6.35 -20.09
N PRO A 225 6.89 7.41 -19.62
CA PRO A 225 7.51 8.39 -18.70
C PRO A 225 8.32 7.74 -17.57
N SER A 226 9.49 8.31 -17.27
CA SER A 226 10.35 7.79 -16.21
C SER A 226 10.72 8.88 -15.20
N LEU A 227 10.13 8.78 -14.02
CA LEU A 227 10.37 9.73 -12.95
C LEU A 227 11.82 9.76 -12.48
N LEU A 228 12.48 8.61 -12.51
CA LEU A 228 13.87 8.51 -12.08
C LEU A 228 14.84 9.13 -13.08
N GLU A 229 14.39 9.35 -14.30
CA GLU A 229 15.24 9.92 -15.35
C GLU A 229 14.96 11.39 -15.63
N ASP A 230 13.82 11.87 -15.14
CA ASP A 230 13.47 13.25 -15.38
C ASP A 230 14.55 14.18 -14.85
N PRO A 231 15.07 15.03 -15.73
CA PRO A 231 16.13 16.00 -15.41
C PRO A 231 15.75 17.02 -14.33
N LYS A 232 14.48 17.42 -14.30
CA LYS A 232 14.03 18.39 -13.31
C LYS A 232 14.09 17.80 -11.92
N ILE A 233 13.66 16.56 -11.80
CA ILE A 233 13.69 15.87 -10.52
C ILE A 233 15.15 15.55 -10.17
N LYS A 234 15.94 15.18 -11.17
CA LYS A 234 17.35 14.87 -10.94
C LYS A 234 18.05 16.14 -10.47
N GLU A 235 17.65 17.27 -11.04
CA GLU A 235 18.26 18.54 -10.68
C GLU A 235 17.96 18.87 -9.22
N ILE A 236 16.70 18.71 -8.82
CA ILE A 236 16.30 18.96 -7.45
C ILE A 236 17.03 17.98 -6.52
N ALA A 237 17.12 16.72 -6.93
CA ALA A 237 17.80 15.73 -6.11
C ALA A 237 19.25 16.13 -5.86
N ALA A 238 19.98 16.43 -6.93
CA ALA A 238 21.38 16.82 -6.83
C ALA A 238 21.65 18.01 -5.91
N LYS A 239 20.79 19.03 -5.94
CA LYS A 239 20.98 20.19 -5.08
C LYS A 239 20.90 19.80 -3.62
N HIS A 240 20.12 18.78 -3.31
CA HIS A 240 19.96 18.33 -1.93
C HIS A 240 20.92 17.20 -1.59
N LYS A 241 21.77 16.84 -2.54
CA LYS A 241 22.74 15.77 -2.35
C LYS A 241 21.98 14.50 -2.05
N LYS A 242 21.00 14.22 -2.90
CA LYS A 242 20.13 13.05 -2.80
C LYS A 242 19.87 12.52 -4.19
N THR A 243 19.26 11.34 -4.27
CA THR A 243 18.93 10.75 -5.57
C THR A 243 17.49 11.11 -5.90
N SER A 244 17.10 10.90 -7.15
CA SER A 244 15.74 11.17 -7.60
C SER A 244 14.76 10.37 -6.75
N ALA A 245 15.06 9.09 -6.56
CA ALA A 245 14.20 8.22 -5.79
C ALA A 245 13.96 8.77 -4.39
N GLN A 246 14.99 9.35 -3.78
CA GLN A 246 14.86 9.91 -2.45
C GLN A 246 13.97 11.14 -2.47
N VAL A 247 13.95 11.82 -3.61
CA VAL A 247 13.12 13.01 -3.74
C VAL A 247 11.67 12.60 -3.96
N LEU A 248 11.46 11.58 -4.77
CA LEU A 248 10.11 11.10 -5.04
C LEU A 248 9.48 10.54 -3.77
N ILE A 249 10.33 10.02 -2.87
CA ILE A 249 9.87 9.46 -1.61
C ILE A 249 9.61 10.59 -0.61
N ARG A 250 10.55 11.53 -0.53
CA ARG A 250 10.44 12.66 0.37
C ARG A 250 9.18 13.46 0.02
N PHE A 251 8.88 13.51 -1.27
CA PHE A 251 7.71 14.22 -1.78
C PHE A 251 6.46 13.91 -0.95
N HIS A 252 6.14 12.62 -0.83
CA HIS A 252 4.99 12.17 -0.08
C HIS A 252 5.05 12.51 1.40
N ILE A 253 6.25 12.38 1.97
CA ILE A 253 6.42 12.66 3.38
C ILE A 253 6.01 14.09 3.74
N GLN A 254 6.38 15.04 2.89
CA GLN A 254 6.07 16.43 3.16
C GLN A 254 4.59 16.77 2.92
N ARG A 255 3.85 15.83 2.37
CA ARG A 255 2.43 16.03 2.14
C ARG A 255 1.72 15.22 3.20
N ASN A 256 2.51 14.68 4.13
CA ASN A 256 2.01 13.88 5.24
C ASN A 256 1.36 12.59 4.74
N VAL A 257 1.95 12.03 3.70
CA VAL A 257 1.46 10.81 3.10
C VAL A 257 2.46 9.67 3.31
N VAL A 258 1.97 8.54 3.80
CA VAL A 258 2.81 7.36 4.02
C VAL A 258 3.24 6.88 2.63
N VAL A 259 4.49 6.45 2.51
CA VAL A 259 5.01 5.96 1.23
C VAL A 259 5.73 4.64 1.42
N ILE A 260 5.48 3.68 0.53
CA ILE A 260 6.10 2.37 0.64
C ILE A 260 6.91 1.92 -0.57
N PRO A 261 8.09 2.53 -0.78
CA PRO A 261 8.91 2.12 -1.93
C PRO A 261 9.27 0.63 -1.83
N LYS A 262 9.29 -0.04 -2.97
CA LYS A 262 9.61 -1.47 -2.98
C LYS A 262 10.97 -1.74 -3.61
N SER A 263 11.65 -2.74 -3.06
CA SER A 263 12.95 -3.15 -3.60
C SER A 263 13.43 -4.43 -2.94
N VAL A 264 14.25 -5.17 -3.67
CA VAL A 264 14.84 -6.40 -3.13
C VAL A 264 16.34 -6.20 -3.23
N THR A 265 16.74 -5.03 -3.70
CA THR A 265 18.15 -4.66 -3.83
C THR A 265 18.61 -3.98 -2.53
N PRO A 266 19.46 -4.66 -1.73
CA PRO A 266 19.96 -4.11 -0.47
C PRO A 266 20.36 -2.64 -0.54
N ALA A 267 21.13 -2.29 -1.56
CA ALA A 267 21.58 -0.91 -1.73
C ALA A 267 20.44 0.10 -1.90
N ARG A 268 19.42 -0.29 -2.67
CA ARG A 268 18.29 0.59 -2.89
C ARG A 268 17.39 0.64 -1.67
N ILE A 269 17.28 -0.49 -0.97
CA ILE A 269 16.47 -0.52 0.22
C ILE A 269 17.10 0.51 1.15
N HIS A 270 18.43 0.44 1.28
CA HIS A 270 19.16 1.41 2.11
C HIS A 270 18.90 2.83 1.63
N GLU A 271 19.04 3.05 0.33
CA GLU A 271 18.84 4.36 -0.27
C GLU A 271 17.47 5.00 -0.02
N ASN A 272 16.42 4.20 -0.19
CA ASN A 272 15.06 4.70 -0.02
C ASN A 272 14.71 5.12 1.39
N PHE A 273 15.58 4.78 2.35
CA PHE A 273 15.32 5.12 3.74
C PHE A 273 16.05 6.38 4.21
N GLN A 274 16.94 6.92 3.39
CA GLN A 274 17.67 8.14 3.76
C GLN A 274 16.88 9.36 3.26
N VAL A 275 15.68 9.54 3.82
CA VAL A 275 14.82 10.64 3.40
C VAL A 275 14.28 11.47 4.55
N PHE A 276 14.92 11.36 5.70
CA PHE A 276 14.50 12.10 6.87
C PHE A 276 15.42 13.26 7.25
N ASP A 277 16.52 13.43 6.52
CA ASP A 277 17.46 14.51 6.83
C ASP A 277 17.54 15.64 5.83
N PHE A 278 16.47 15.89 5.09
CA PHE A 278 16.44 17.00 4.14
C PHE A 278 15.01 17.46 3.90
N GLN A 279 14.85 18.66 3.36
CA GLN A 279 13.53 19.22 3.10
C GLN A 279 13.42 19.93 1.76
N LEU A 280 12.45 19.52 0.97
CA LEU A 280 12.20 20.14 -0.33
C LEU A 280 11.59 21.49 -0.02
N SER A 281 11.99 22.52 -0.77
CA SER A 281 11.45 23.86 -0.57
C SER A 281 10.03 23.96 -1.12
N ASP A 282 9.32 25.03 -0.78
CA ASP A 282 7.95 25.20 -1.27
C ASP A 282 7.96 25.21 -2.79
N GLN A 283 8.95 25.87 -3.38
CA GLN A 283 9.02 25.93 -4.83
C GLN A 283 9.26 24.56 -5.45
N GLU A 284 10.12 23.76 -4.83
CA GLU A 284 10.41 22.42 -5.35
C GLU A 284 9.18 21.51 -5.27
N MET A 285 8.42 21.61 -4.17
CA MET A 285 7.21 20.80 -4.03
C MET A 285 6.20 21.22 -5.10
N ALA A 286 6.15 22.52 -5.39
CA ALA A 286 5.24 23.03 -6.41
C ALA A 286 5.66 22.50 -7.77
N THR A 287 6.96 22.55 -8.04
CA THR A 287 7.49 22.06 -9.31
C THR A 287 7.12 20.59 -9.46
N ILE A 288 7.31 19.83 -8.40
CA ILE A 288 7.00 18.41 -8.44
C ILE A 288 5.50 18.17 -8.60
N LEU A 289 4.69 18.90 -7.83
CA LEU A 289 3.25 18.76 -7.93
C LEU A 289 2.80 19.13 -9.33
N GLY A 290 3.50 20.08 -9.94
CA GLY A 290 3.14 20.51 -11.29
C GLY A 290 3.33 19.47 -12.37
N PHE A 291 3.89 18.31 -12.01
CA PHE A 291 4.12 17.22 -12.96
C PHE A 291 2.85 16.43 -13.23
N ASN A 292 1.87 16.57 -12.34
CA ASN A 292 0.63 15.82 -12.45
C ASN A 292 -0.05 15.77 -13.82
N ARG A 293 -0.48 14.57 -14.18
CA ARG A 293 -1.17 14.34 -15.44
C ARG A 293 -2.24 13.28 -15.22
N ASN A 294 -2.45 12.91 -13.95
CA ASN A 294 -3.40 11.86 -13.59
C ASN A 294 -3.08 10.63 -14.43
N TRP A 295 -1.80 10.27 -14.51
CA TRP A 295 -1.35 9.11 -15.27
C TRP A 295 -1.14 7.93 -14.33
N ARG A 296 -1.85 6.84 -14.59
CA ARG A 296 -1.75 5.64 -13.77
C ARG A 296 -0.85 4.61 -14.42
N ALA A 297 0.14 4.14 -13.66
CA ALA A 297 1.06 3.13 -14.14
C ALA A 297 0.46 1.76 -13.86
N CYS A 298 -0.26 1.66 -12.74
CA CYS A 298 -0.89 0.40 -12.38
C CYS A 298 -1.89 0.08 -13.49
N LEU A 299 -3.17 0.34 -13.25
CA LEU A 299 -4.20 0.10 -14.27
C LEU A 299 -4.17 -1.28 -14.93
N LEU A 300 -5.20 -2.08 -14.67
CA LEU A 300 -5.32 -3.39 -15.27
C LEU A 300 -6.55 -3.38 -16.17
N PRO A 301 -6.34 -3.29 -17.50
CA PRO A 301 -7.43 -3.27 -18.49
C PRO A 301 -8.56 -4.26 -18.21
N GLU A 302 -8.19 -5.47 -17.82
CA GLU A 302 -9.17 -6.52 -17.53
C GLU A 302 -10.16 -6.16 -16.42
N THR A 303 -9.89 -5.05 -15.73
CA THR A 303 -10.76 -4.62 -14.64
C THR A 303 -11.59 -3.37 -14.96
N VAL A 304 -11.36 -2.78 -16.13
CA VAL A 304 -12.06 -1.57 -16.55
C VAL A 304 -13.59 -1.72 -16.57
N ASN A 305 -14.07 -2.96 -16.69
CA ASN A 305 -15.51 -3.23 -16.74
C ASN A 305 -16.18 -3.35 -15.38
N MET A 306 -15.56 -4.12 -14.48
CA MET A 306 -16.08 -4.35 -13.13
C MET A 306 -16.90 -3.17 -12.59
N GLU A 307 -18.05 -3.47 -11.99
CA GLU A 307 -18.92 -2.42 -11.46
C GLU A 307 -18.19 -1.54 -10.46
N GLU A 308 -17.30 -2.13 -9.68
CA GLU A 308 -16.55 -1.38 -8.67
C GLU A 308 -15.25 -0.78 -9.20
N TYR A 309 -15.06 -0.78 -10.52
CA TYR A 309 -13.83 -0.19 -11.07
C TYR A 309 -13.76 1.19 -10.42
N PRO A 310 -12.64 1.48 -9.73
CA PRO A 310 -12.53 2.77 -9.05
C PRO A 310 -11.90 3.95 -9.80
N TYR A 311 -11.33 3.71 -10.98
CA TYR A 311 -10.66 4.82 -11.66
C TYR A 311 -11.46 5.69 -12.63
N ASP A 312 -12.76 5.44 -12.76
CA ASP A 312 -13.59 6.26 -13.65
C ASP A 312 -14.02 7.53 -12.94
N ALA A 313 -14.25 7.43 -11.64
CA ALA A 313 -14.67 8.57 -10.83
C ALA A 313 -13.60 9.65 -10.86
N GLU A 314 -13.98 10.88 -10.50
CA GLU A 314 -13.03 11.98 -10.48
C GLU A 314 -11.96 11.74 -9.40
N TYR A 315 -12.39 11.16 -8.28
CA TYR A 315 -11.49 10.84 -7.16
C TYR A 315 -12.21 9.96 -6.14
PA NAP B . 7.99 1.45 -6.87
O1A NAP B . 7.70 2.83 -7.34
O2A NAP B . 8.29 1.25 -5.46
O5B NAP B . 9.19 0.89 -7.82
C5B NAP B . 9.75 -0.43 -7.63
C4B NAP B . 10.82 -0.64 -8.69
O4B NAP B . 11.81 0.37 -8.50
C3B NAP B . 11.50 -1.95 -8.60
O3B NAP B . 11.84 -2.46 -9.91
C2B NAP B . 12.77 -1.65 -7.85
O2B NAP B . 13.88 -2.46 -8.28
C1B NAP B . 13.08 -0.23 -8.27
N9A NAP B . 13.75 0.62 -7.24
C8A NAP B . 13.54 0.68 -5.87
N7A NAP B . 14.29 1.56 -5.27
C5A NAP B . 15.04 2.13 -6.28
C6A NAP B . 16.02 3.15 -6.28
N6A NAP B . 16.40 3.75 -5.17
N1A NAP B . 16.59 3.49 -7.49
C2A NAP B . 16.20 2.86 -8.62
N3A NAP B . 15.28 1.90 -8.70
C4A NAP B . 14.73 1.57 -7.48
O3 NAP B . 6.78 0.51 -7.39
PN NAP B . 5.99 -0.80 -6.89
O1N NAP B . 6.48 -1.89 -7.74
O2N NAP B . 4.53 -0.42 -7.01
O5D NAP B . 6.22 -1.00 -5.31
C5D NAP B . 5.50 -0.23 -4.30
C4D NAP B . 4.78 -1.11 -3.23
O4D NAP B . 3.41 -0.73 -3.25
C3D NAP B . 4.74 -2.62 -3.55
O3D NAP B . 5.89 -3.37 -3.17
C2D NAP B . 3.49 -3.08 -2.83
O2D NAP B . 3.71 -3.38 -1.46
C1D NAP B . 2.55 -1.86 -3.04
N1N NAP B . 1.65 -2.03 -4.22
C2N NAP B . 0.27 -2.11 -3.90
C3N NAP B . -0.66 -2.28 -4.99
C7N NAP B . -2.11 -2.37 -4.73
O7N NAP B . -2.93 -2.51 -5.65
N7N NAP B . -2.58 -2.30 -3.47
C4N NAP B . -0.16 -2.35 -6.31
C5N NAP B . 1.16 -2.27 -6.61
C6N NAP B . 2.06 -2.12 -5.58
P2B NAP B . 14.48 -3.60 -7.36
O1X NAP B . 15.45 -2.86 -6.53
O2X NAP B . 13.40 -4.29 -6.60
O3X NAP B . 15.11 -4.42 -8.40
#